data_8DDK
#
_entry.id   8DDK
#
_cell.length_a   175.676
_cell.length_b   175.676
_cell.length_c   92.158
_cell.angle_alpha   90.000
_cell.angle_beta   90.000
_cell.angle_gamma   90.000
#
_symmetry.space_group_name_H-M   'P 43 21 2'
#
loop_
_entity.id
_entity.type
_entity.pdbx_description
1 polymer 'Heavy Chain CC5-17'
2 polymer 'Light Chain CC5_17'
3 polymer 'Envelopment polyprotein'
4 branched alpha-D-mannopyranose-(1-2)-alpha-D-mannopyranose-(1-3)-beta-D-mannopyranose-(1-4)-[alpha-D-mannopyranose-(1-3)]2-acetamido-2-deoxy-beta-D-glucopyranose-(1-4)-2-acetamido-2-deoxy-beta-D-glucopyranose
5 branched alpha-D-mannopyranose-(1-3)-beta-D-mannopyranose-(1-4)-2-acetamido-2-deoxy-beta-D-glucopyranose-(1-4)-2-acetamido-2-deoxy-beta-D-glucopyranose
6 water water
#
loop_
_entity_poly.entity_id
_entity_poly.type
_entity_poly.pdbx_seq_one_letter_code
_entity_poly.pdbx_strand_id
1 'polypeptide(L)'
;EVQLVQSGAEVKKPGESLRISCKGSGYSFTSYWIGWVRQMPGKGLEWMGIIYPGDSDTRYSPSFQGQVTISADKSISTAY
LQWTSLKASDTAMYYCARQLGGSSFGNYYDSGSYYTAAYWGQGTLVTVSSASTKGPSVFPLAPSSKSTSGGTAALGCLVK
DYFPEPVTVSWNSGALTSGVHTFPAVLQSSGLYSLSSVVTVPSSSLGTQTYICNVNHKPSNTKVDKKVEPKSCGSHHHHH
HHH
;
A
2 'polypeptide(L)'
;DIQMTQSPSSLSASVGDRVTITCRASQSINNYLNWYQQKPGKAPKLLIYAASTLQSGVPSRFSGSGSGTDFTLTISSLQP
EDFASYYCQQSYRGTFGQGTKVEFKRTVAAPSVFIFPPSDEQLKSGTASVVCLLNNFYPREAKVQWKVDNALQSGNSQES
VTEQDSKDSTYSLSSTLTLSKADYEKHKVYACEVTHQGLSSPVTKSFNRGEC
;
B
3 'polypeptide(L)'
;NLEMEIILTLSQGLKKYYGKILKLLHLTLEEDTEGLLEWCKRNLGSNCDDDFFQKRIEEFFITGEGYFNEVLQFKTLSTP
SSTEPSHARLPTAEPFKSYFAKGFLSIDSGYFSAKCYPRSSTSGLQLINVTQHPARIAETPGPKTTSLKTINCINLRASV
FKEHREVEINVLLPQIAVNLSNCHVVINSHVCDYSLDTDGPVRLPRIYHEGTFMPGTYKIVIDRKNKLNDRCTLVTNCVI
KGREVRKGQSVLRQYKTEIKIGKAPTGSLEVLFQ
;
C
#
# COMPACT_ATOMS: atom_id res chain seq x y z
N GLU A 1 8.67 -11.51 -24.65
CA GLU A 1 8.67 -10.44 -23.67
C GLU A 1 8.18 -10.92 -22.31
N VAL A 2 7.50 -10.04 -21.59
CA VAL A 2 6.98 -10.37 -20.27
C VAL A 2 5.73 -11.23 -20.42
N GLN A 3 5.66 -12.31 -19.65
CA GLN A 3 4.54 -13.24 -19.71
C GLN A 3 4.19 -13.73 -18.31
N LEU A 4 2.90 -13.79 -18.01
CA LEU A 4 2.41 -14.32 -16.75
C LEU A 4 1.52 -15.52 -17.05
N VAL A 5 1.87 -16.68 -16.49
CA VAL A 5 1.10 -17.90 -16.67
C VAL A 5 0.59 -18.35 -15.31
N GLN A 6 -0.72 -18.56 -15.21
CA GLN A 6 -1.36 -18.94 -13.97
C GLN A 6 -1.60 -20.45 -13.92
N SER A 7 -1.80 -20.94 -12.71
CA SER A 7 -2.17 -22.34 -12.54
C SER A 7 -3.56 -22.58 -13.11
N GLY A 8 -3.85 -23.84 -13.39
CA GLY A 8 -5.13 -24.21 -13.98
C GLY A 8 -6.30 -23.95 -13.06
N ALA A 9 -7.49 -24.10 -13.63
CA ALA A 9 -8.72 -23.93 -12.85
C ALA A 9 -8.82 -25.02 -11.79
N GLU A 10 -9.37 -24.67 -10.64
CA GLU A 10 -9.45 -25.57 -9.49
C GLU A 10 -10.88 -25.72 -9.04
N VAL A 11 -11.33 -26.96 -8.91
CA VAL A 11 -12.64 -27.30 -8.39
C VAL A 11 -12.42 -28.00 -7.05
N LYS A 12 -12.86 -27.38 -5.96
CA LYS A 12 -12.68 -27.93 -4.63
C LYS A 12 -14.00 -27.91 -3.88
N LYS A 13 -14.01 -28.57 -2.74
CA LYS A 13 -15.14 -28.63 -1.84
C LYS A 13 -14.97 -27.64 -0.70
N PRO A 14 -16.05 -27.17 -0.10
CA PRO A 14 -15.92 -26.27 1.07
C PRO A 14 -15.24 -26.99 2.22
N GLY A 15 -14.25 -26.31 2.80
CA GLY A 15 -13.41 -26.88 3.83
C GLY A 15 -12.07 -27.39 3.32
N GLU A 16 -11.94 -27.59 2.02
CA GLU A 16 -10.69 -28.03 1.43
C GLU A 16 -9.75 -26.83 1.27
N SER A 17 -8.46 -27.09 1.47
CA SER A 17 -7.46 -26.05 1.26
C SER A 17 -7.09 -25.97 -0.21
N LEU A 18 -6.57 -24.81 -0.63
CA LEU A 18 -6.23 -24.62 -2.03
C LEU A 18 -5.10 -23.62 -2.15
N ARG A 19 -4.28 -23.79 -3.19
CA ARG A 19 -3.15 -22.89 -3.46
C ARG A 19 -3.02 -22.76 -4.97
N ILE A 20 -3.26 -21.55 -5.49
CA ILE A 20 -3.07 -21.25 -6.90
C ILE A 20 -1.80 -20.44 -7.06
N SER A 21 -1.23 -20.50 -8.26
CA SER A 21 0.09 -19.92 -8.51
C SER A 21 0.06 -19.04 -9.75
N CYS A 22 1.10 -18.22 -9.86
CA CYS A 22 1.31 -17.36 -11.03
C CYS A 22 2.81 -17.21 -11.24
N LYS A 23 3.29 -17.68 -12.39
CA LYS A 23 4.71 -17.66 -12.72
C LYS A 23 4.97 -16.60 -13.78
N GLY A 24 6.04 -15.83 -13.60
CA GLY A 24 6.39 -14.74 -14.48
C GLY A 24 7.66 -15.06 -15.27
N SER A 25 7.73 -14.52 -16.49
CA SER A 25 8.87 -14.71 -17.36
C SER A 25 9.07 -13.43 -18.16
N GLY A 26 10.25 -13.31 -18.76
CA GLY A 26 10.59 -12.11 -19.50
C GLY A 26 10.92 -10.92 -18.64
N TYR A 27 11.07 -11.11 -17.33
CA TYR A 27 11.39 -10.02 -16.41
C TYR A 27 11.90 -10.62 -15.11
N SER A 28 12.67 -9.81 -14.37
CA SER A 28 13.46 -10.28 -13.24
C SER A 28 12.64 -10.86 -12.10
N PHE A 29 11.35 -10.55 -12.01
CA PHE A 29 10.49 -10.96 -10.90
C PHE A 29 11.02 -10.45 -9.56
N THR A 30 11.62 -9.25 -9.56
CA THR A 30 12.18 -8.67 -8.34
C THR A 30 11.88 -7.19 -8.15
N SER A 31 11.40 -6.46 -9.16
CA SER A 31 11.20 -5.02 -9.05
C SER A 31 9.77 -4.57 -9.27
N TYR A 32 9.03 -5.21 -10.17
CA TYR A 32 7.65 -4.81 -10.47
C TYR A 32 6.68 -5.60 -9.59
N TRP A 33 5.90 -4.86 -8.82
CA TRP A 33 4.95 -5.43 -7.87
C TRP A 33 4.00 -6.38 -8.59
N ILE A 34 3.48 -7.37 -7.87
CA ILE A 34 2.59 -8.36 -8.47
C ILE A 34 1.42 -8.61 -7.53
N GLY A 35 0.20 -8.60 -8.08
CA GLY A 35 -0.98 -8.64 -7.26
C GLY A 35 -2.04 -9.59 -7.82
N TRP A 36 -3.00 -9.89 -6.95
CA TRP A 36 -4.16 -10.71 -7.27
C TRP A 36 -5.44 -9.87 -7.18
N VAL A 37 -6.32 -10.09 -8.15
CA VAL A 37 -7.60 -9.38 -8.26
C VAL A 37 -8.70 -10.42 -8.46
N ARG A 38 -9.82 -10.23 -7.75
CA ARG A 38 -10.96 -11.14 -7.82
C ARG A 38 -12.03 -10.58 -8.73
N GLN A 39 -12.68 -11.45 -9.49
CA GLN A 39 -13.88 -11.11 -10.25
C GLN A 39 -14.89 -12.23 -10.03
N MET A 40 -15.97 -11.93 -9.33
CA MET A 40 -17.03 -12.90 -9.13
C MET A 40 -17.92 -12.95 -10.37
N PRO A 41 -18.49 -14.14 -10.68
CA PRO A 41 -19.29 -14.34 -11.89
C PRO A 41 -20.45 -13.35 -12.02
N LEU A 45 -14.77 -6.27 -10.99
CA LEU A 45 -13.49 -6.65 -10.41
C LEU A 45 -13.37 -6.20 -8.96
N GLU A 46 -12.84 -7.08 -8.12
CA GLU A 46 -12.59 -6.79 -6.71
C GLU A 46 -11.11 -7.01 -6.43
N TRP A 47 -10.43 -5.94 -6.06
CA TRP A 47 -9.00 -6.02 -5.80
C TRP A 47 -8.73 -6.80 -4.52
N MET A 48 -7.83 -7.78 -4.60
CA MET A 48 -7.51 -8.63 -3.47
C MET A 48 -6.23 -8.17 -2.77
N GLY A 49 -5.09 -8.36 -3.44
CA GLY A 49 -3.85 -8.05 -2.76
C GLY A 49 -2.72 -7.79 -3.74
N ILE A 50 -1.57 -7.46 -3.17
CA ILE A 50 -0.32 -7.24 -3.91
C ILE A 50 0.85 -7.50 -2.98
N ILE A 51 1.95 -7.99 -3.57
CA ILE A 51 3.22 -8.10 -2.87
C ILE A 51 4.35 -7.72 -3.80
N TYR A 52 5.49 -7.38 -3.21
CA TYR A 52 6.68 -7.15 -4.00
C TYR A 52 7.15 -8.49 -4.60
N PRO A 53 7.68 -8.48 -5.82
CA PRO A 53 8.08 -9.75 -6.43
C PRO A 53 9.32 -10.36 -5.80
N GLY A 54 10.31 -9.54 -5.44
CA GLY A 54 11.47 -10.04 -4.73
C GLY A 54 11.16 -10.25 -3.26
N ASP A 55 12.12 -9.94 -2.39
CA ASP A 55 11.85 -9.96 -0.96
C ASP A 55 10.68 -9.03 -0.65
N SER A 56 9.68 -9.54 0.05
CA SER A 56 8.42 -8.81 0.13
C SER A 56 7.68 -9.11 1.43
N ASP A 57 6.81 -8.16 1.79
CA ASP A 57 5.74 -8.41 2.73
C ASP A 57 4.48 -8.76 1.95
N THR A 58 3.35 -8.16 2.32
CA THR A 58 2.12 -8.35 1.55
C THR A 58 1.20 -7.17 1.79
N ARG A 59 0.47 -6.78 0.74
CA ARG A 59 -0.52 -5.70 0.81
C ARG A 59 -1.89 -6.30 0.46
N TYR A 60 -2.48 -7.00 1.43
CA TYR A 60 -3.85 -7.45 1.25
C TYR A 60 -4.79 -6.25 1.32
N SER A 61 -5.90 -6.34 0.59
CA SER A 61 -6.91 -5.30 0.68
C SER A 61 -7.46 -5.24 2.09
N PRO A 62 -7.78 -4.05 2.61
CA PRO A 62 -8.39 -3.96 3.93
C PRO A 62 -9.69 -4.75 3.97
N SER A 63 -9.96 -5.36 5.13
CA SER A 63 -11.12 -6.21 5.38
C SER A 63 -11.06 -7.50 4.56
N PHE A 64 -10.59 -7.42 3.32
CA PHE A 64 -10.40 -8.62 2.51
C PHE A 64 -9.49 -9.63 3.19
N GLN A 65 -8.53 -9.15 3.98
CA GLN A 65 -7.67 -10.02 4.77
C GLN A 65 -8.34 -10.38 6.09
N GLN A 67 -8.88 -13.29 4.55
CA GLN A 67 -8.40 -14.40 5.36
C GLN A 67 -7.46 -15.30 4.56
N VAL A 68 -7.31 -14.99 3.28
CA VAL A 68 -6.44 -15.75 2.38
C VAL A 68 -4.99 -15.41 2.70
N THR A 69 -4.06 -16.06 2.02
CA THR A 69 -2.63 -15.81 2.22
C THR A 69 -1.94 -15.72 0.87
N ILE A 70 -1.28 -14.58 0.61
CA ILE A 70 -0.47 -14.40 -0.59
C ILE A 70 0.99 -14.51 -0.19
N SER A 71 1.75 -15.27 -0.97
CA SER A 71 3.17 -15.46 -0.74
C SER A 71 3.88 -15.50 -2.08
N ALA A 72 5.20 -15.73 -2.05
CA ALA A 72 5.94 -15.89 -3.28
C ALA A 72 7.28 -16.54 -2.99
N ASP A 73 7.79 -17.26 -3.99
CA ASP A 73 9.14 -17.81 -3.98
C ASP A 73 9.89 -17.17 -5.13
N LYS A 74 10.88 -16.32 -4.80
CA LYS A 74 11.73 -15.71 -5.82
C LYS A 74 12.74 -16.70 -6.39
N SER A 75 12.98 -17.81 -5.71
CA SER A 75 13.89 -18.82 -6.24
C SER A 75 13.35 -19.43 -7.53
N ILE A 76 12.02 -19.48 -7.68
CA ILE A 76 11.38 -19.98 -8.89
C ILE A 76 10.54 -18.91 -9.57
N SER A 77 10.53 -17.68 -9.07
CA SER A 77 9.78 -16.57 -9.65
C SER A 77 8.29 -16.89 -9.73
N THR A 78 7.71 -17.26 -8.59
CA THR A 78 6.33 -17.72 -8.57
C THR A 78 5.59 -17.14 -7.37
N ALA A 79 4.47 -16.48 -7.63
CA ALA A 79 3.60 -15.98 -6.58
C ALA A 79 2.47 -16.99 -6.31
N TYR A 80 1.96 -16.97 -5.08
CA TYR A 80 0.95 -17.93 -4.64
C TYR A 80 -0.16 -17.22 -3.89
N LEU A 81 -1.39 -17.71 -4.09
CA LEU A 81 -2.58 -17.27 -3.38
C LEU A 81 -3.28 -18.51 -2.84
N GLN A 82 -3.47 -18.58 -1.52
CA GLN A 82 -3.94 -19.80 -0.89
C GLN A 82 -5.09 -19.52 0.09
N TRP A 83 -5.99 -20.49 0.17
CA TRP A 83 -7.07 -20.54 1.15
C TRP A 83 -6.87 -21.75 2.06
N THR A 84 -7.05 -21.53 3.37
CA THR A 84 -7.04 -22.63 4.32
C THR A 84 -8.38 -23.36 4.36
N SER A 85 -9.48 -22.64 4.18
CA SER A 85 -10.82 -23.22 4.15
C SER A 85 -11.65 -22.45 3.13
N LEU A 86 -11.98 -23.10 2.02
CA LEU A 86 -12.73 -22.45 0.96
C LEU A 86 -14.21 -22.36 1.31
N LYS A 87 -14.83 -21.27 0.89
CA LYS A 87 -16.27 -21.08 1.02
C LYS A 87 -16.89 -21.00 -0.36
N ALA A 88 -18.20 -21.22 -0.42
CA ALA A 88 -18.91 -21.11 -1.68
C ALA A 88 -18.81 -19.70 -2.26
N SER A 89 -18.61 -18.70 -1.40
CA SER A 89 -18.45 -17.32 -1.86
C SER A 89 -17.12 -17.07 -2.55
N ASP A 90 -16.17 -18.00 -2.46
CA ASP A 90 -14.87 -17.83 -3.10
C ASP A 90 -14.85 -18.32 -4.54
N THR A 91 -15.97 -18.84 -5.04
CA THR A 91 -16.06 -19.27 -6.44
C THR A 91 -16.02 -18.03 -7.33
N ALA A 92 -14.93 -17.85 -8.06
CA ALA A 92 -14.74 -16.65 -8.87
C ALA A 92 -13.51 -16.86 -9.75
N MET A 93 -13.22 -15.88 -10.59
CA MET A 93 -11.99 -15.85 -11.36
C MET A 93 -10.97 -14.98 -10.63
N TYR A 94 -9.71 -15.42 -10.64
CA TYR A 94 -8.64 -14.76 -9.91
C TYR A 94 -7.52 -14.46 -10.88
N TYR A 95 -7.20 -13.18 -11.05
CA TYR A 95 -6.20 -12.72 -12.01
C TYR A 95 -4.95 -12.30 -11.26
N CYS A 96 -3.79 -12.80 -11.71
CA CYS A 96 -2.51 -12.28 -11.26
C CYS A 96 -2.03 -11.25 -12.27
N ALA A 97 -1.39 -10.20 -11.78
CA ALA A 97 -0.96 -9.12 -12.66
C ALA A 97 0.36 -8.54 -12.16
N ARG A 98 1.33 -8.47 -13.06
CA ARG A 98 2.52 -7.68 -12.83
C ARG A 98 2.22 -6.23 -13.13
N GLN A 99 2.80 -5.34 -12.31
CA GLN A 99 2.49 -3.93 -12.35
C GLN A 99 3.68 -3.12 -11.85
N LEU A 100 4.00 -2.07 -12.61
CA LEU A 100 5.19 -1.26 -12.38
C LEU A 100 4.95 -0.30 -11.22
N TYR A 108 4.22 8.84 -9.34
CA TYR A 108 5.39 8.62 -8.50
C TYR A 108 4.97 8.22 -7.08
N TYR A 109 3.97 8.91 -6.53
CA TYR A 109 3.36 8.48 -5.27
C TYR A 109 2.52 7.24 -5.50
N ASP A 110 1.22 7.32 -5.24
CA ASP A 110 0.33 6.21 -5.56
C ASP A 110 0.21 6.06 -7.08
N SER A 111 -0.08 7.17 -7.76
CA SER A 111 -0.10 7.17 -9.21
C SER A 111 1.32 7.03 -9.74
N GLY A 112 1.44 6.35 -10.88
CA GLY A 112 2.76 6.05 -11.41
C GLY A 112 3.55 5.15 -10.48
N SER A 113 2.91 4.12 -9.93
CA SER A 113 3.57 3.25 -8.97
C SER A 113 3.06 1.82 -9.06
N TYR A 114 2.93 1.17 -7.91
CA TYR A 114 2.80 -0.28 -7.89
C TYR A 114 1.43 -0.76 -8.31
N TYR A 115 0.37 -0.02 -8.01
CA TYR A 115 -0.95 -0.41 -8.50
C TYR A 115 -1.13 -0.04 -9.97
N THR A 116 -0.20 -0.48 -10.82
CA THR A 116 -0.18 -0.07 -12.23
C THR A 116 -1.08 -0.94 -13.11
N ALA A 117 -1.19 -2.23 -12.78
CA ALA A 117 -1.86 -3.22 -13.64
C ALA A 117 -1.23 -3.24 -15.03
N ALA A 118 0.09 -3.35 -15.05
CA ALA A 118 0.85 -3.42 -16.30
C ALA A 118 0.63 -4.76 -16.99
N TRP A 120 -1.11 -9.00 -17.42
CA TRP A 120 -2.04 -9.86 -16.70
C TRP A 120 -1.91 -11.31 -17.12
N GLY A 121 -2.26 -12.22 -16.21
CA GLY A 121 -2.38 -13.61 -16.54
C GLY A 121 -3.69 -13.92 -17.23
N GLN A 122 -3.84 -15.18 -17.64
CA GLN A 122 -5.06 -15.59 -18.33
C GLN A 122 -6.25 -15.73 -17.39
N GLY A 123 -6.01 -15.78 -16.08
CA GLY A 123 -7.08 -15.95 -15.12
C GLY A 123 -7.25 -17.37 -14.65
N THR A 124 -7.54 -17.56 -13.37
CA THR A 124 -7.74 -18.87 -12.79
C THR A 124 -9.15 -18.97 -12.23
N LEU A 125 -9.94 -19.89 -12.77
CA LEU A 125 -11.29 -20.11 -12.28
C LEU A 125 -11.26 -21.04 -11.09
N VAL A 126 -11.90 -20.63 -9.99
CA VAL A 126 -11.98 -21.42 -8.77
C VAL A 126 -13.44 -21.65 -8.44
N THR A 127 -13.84 -22.92 -8.38
CA THR A 127 -15.21 -23.29 -8.07
C THR A 127 -15.23 -24.12 -6.79
N VAL A 128 -15.91 -23.60 -5.77
CA VAL A 128 -16.03 -24.25 -4.48
C VAL A 128 -17.43 -24.84 -4.40
N SER A 129 -17.51 -26.17 -4.35
CA SER A 129 -18.80 -26.85 -4.30
C SER A 129 -18.59 -28.27 -3.77
N SER A 130 -19.59 -28.76 -3.03
CA SER A 130 -19.57 -30.12 -2.53
C SER A 130 -20.05 -31.13 -3.57
N ALA A 131 -20.52 -30.67 -4.72
CA ALA A 131 -21.03 -31.57 -5.74
C ALA A 131 -19.90 -32.36 -6.38
N SER A 132 -20.26 -33.46 -7.03
CA SER A 132 -19.33 -34.32 -7.74
C SER A 132 -19.60 -34.27 -9.23
N THR A 133 -18.68 -34.86 -9.99
CA THR A 133 -18.78 -34.83 -11.45
C THR A 133 -19.99 -35.61 -11.92
N LYS A 134 -20.81 -34.99 -12.76
CA LYS A 134 -22.04 -35.61 -13.24
C LYS A 134 -22.43 -35.01 -14.58
N GLY A 135 -22.91 -35.85 -15.49
CA GLY A 135 -23.42 -35.41 -16.76
C GLY A 135 -24.82 -34.84 -16.63
N PRO A 136 -25.26 -34.14 -17.69
CA PRO A 136 -26.59 -33.50 -17.71
C PRO A 136 -27.73 -34.50 -17.91
N LYS A 160 -29.76 -30.13 -17.66
CA LYS A 160 -29.96 -29.77 -16.25
C LYS A 160 -29.18 -30.66 -15.31
N ASP A 161 -28.76 -30.09 -14.18
CA ASP A 161 -28.17 -30.82 -13.06
C ASP A 161 -26.91 -31.57 -13.49
N TYR A 162 -25.93 -30.82 -14.00
CA TYR A 162 -24.63 -31.37 -14.34
C TYR A 162 -23.55 -30.62 -13.58
N PHE A 163 -22.40 -31.29 -13.41
CA PHE A 163 -21.27 -30.71 -12.70
C PHE A 163 -20.02 -31.45 -13.13
N PRO A 164 -18.91 -30.77 -13.36
CA PRO A 164 -18.75 -29.31 -13.37
C PRO A 164 -18.98 -28.75 -14.77
N GLU A 165 -18.75 -27.47 -14.98
CA GLU A 165 -18.78 -26.90 -16.31
C GLU A 165 -17.60 -27.43 -17.13
N PRO A 166 -17.69 -27.39 -18.46
CA PRO A 166 -18.84 -26.99 -19.28
C PRO A 166 -19.47 -28.15 -20.07
N VAL A 167 -20.67 -27.91 -20.60
CA VAL A 167 -21.28 -28.79 -21.58
C VAL A 167 -21.31 -28.07 -22.91
N THR A 168 -21.27 -28.84 -23.99
CA THR A 168 -21.36 -28.30 -25.34
C THR A 168 -22.63 -28.80 -26.00
N VAL A 169 -23.44 -27.88 -26.53
CA VAL A 169 -24.72 -28.20 -27.13
C VAL A 169 -24.67 -27.80 -28.61
N SER A 170 -25.00 -28.74 -29.48
CA SER A 170 -25.14 -28.50 -30.91
C SER A 170 -26.49 -29.03 -31.38
N TRP A 171 -26.80 -28.77 -32.64
CA TRP A 171 -28.08 -29.17 -33.23
C TRP A 171 -27.80 -29.91 -34.52
N ASN A 172 -28.27 -31.16 -34.61
CA ASN A 172 -28.01 -32.02 -35.76
C ASN A 172 -26.51 -32.18 -36.01
N SER A 173 -25.75 -32.35 -34.92
CA SER A 173 -24.30 -32.50 -34.97
C SER A 173 -23.62 -31.29 -35.62
N GLY A 174 -24.21 -30.11 -35.43
CA GLY A 174 -23.64 -28.89 -35.95
C GLY A 174 -24.20 -28.42 -37.29
N ALA A 175 -25.41 -28.84 -37.66
CA ALA A 175 -25.99 -28.46 -38.93
C ALA A 175 -26.89 -27.25 -38.86
N LEU A 176 -27.36 -26.87 -37.67
CA LEU A 176 -28.27 -25.75 -37.49
C LEU A 176 -27.60 -24.70 -36.61
N THR A 177 -27.42 -23.50 -37.16
CA THR A 177 -26.77 -22.42 -36.43
C THR A 177 -27.62 -21.15 -36.48
N SER A 178 -28.33 -20.95 -37.59
CA SER A 178 -29.15 -19.75 -37.77
C SER A 178 -30.31 -19.77 -36.77
N GLY A 179 -30.31 -18.82 -35.85
CA GLY A 179 -31.35 -18.73 -34.85
C GLY A 179 -31.10 -19.48 -33.56
N VAL A 180 -29.92 -20.06 -33.39
CA VAL A 180 -29.59 -20.85 -32.21
C VAL A 180 -29.04 -19.92 -31.13
N HIS A 181 -29.58 -20.06 -29.92
CA HIS A 181 -29.11 -19.31 -28.76
C HIS A 181 -28.90 -20.29 -27.61
N THR A 182 -27.65 -20.54 -27.23
CA THR A 182 -27.32 -21.41 -26.13
C THR A 182 -27.01 -20.56 -24.90
N PHE A 183 -27.84 -20.69 -23.88
CA PHE A 183 -27.76 -19.83 -22.71
C PHE A 183 -26.61 -20.25 -21.80
N PRO A 184 -26.03 -19.31 -21.05
CA PRO A 184 -24.98 -19.67 -20.09
C PRO A 184 -25.56 -20.46 -18.92
N ALA A 185 -24.71 -21.32 -18.36
CA ALA A 185 -25.14 -22.15 -17.24
C ALA A 185 -25.40 -21.31 -16.00
N VAL A 186 -26.37 -21.74 -15.20
CA VAL A 186 -26.74 -21.07 -13.96
C VAL A 186 -26.55 -22.05 -12.81
N LEU A 187 -25.77 -21.65 -11.81
CA LEU A 187 -25.55 -22.46 -10.63
C LEU A 187 -26.79 -22.43 -9.76
N GLN A 188 -27.38 -23.59 -9.50
CA GLN A 188 -28.59 -23.70 -8.71
C GLN A 188 -28.25 -23.89 -7.23
N SER A 189 -29.29 -23.89 -6.39
CA SER A 189 -29.10 -24.09 -4.96
C SER A 189 -28.61 -25.49 -4.64
N SER A 190 -28.85 -26.46 -5.51
CA SER A 190 -28.38 -27.82 -5.29
C SER A 190 -26.89 -27.99 -5.58
N GLY A 191 -26.23 -26.96 -6.09
CA GLY A 191 -24.83 -27.04 -6.45
C GLY A 191 -24.55 -27.57 -7.83
N LEU A 192 -25.58 -27.75 -8.67
CA LEU A 192 -25.42 -28.30 -10.00
C LEU A 192 -25.76 -27.24 -11.04
N TYR A 193 -25.06 -27.27 -12.16
CA TYR A 193 -25.29 -26.32 -13.24
C TYR A 193 -26.47 -26.74 -14.09
N SER A 194 -27.02 -25.78 -14.83
CA SER A 194 -28.15 -26.02 -15.71
C SER A 194 -28.26 -24.88 -16.71
N LEU A 195 -28.74 -25.20 -17.91
CA LEU A 195 -28.93 -24.20 -18.94
C LEU A 195 -30.02 -24.62 -19.92
N VAL A 198 -31.12 -23.39 -27.82
CA VAL A 198 -32.49 -23.19 -28.25
C VAL A 198 -32.51 -22.47 -29.61
N VAL A 199 -33.41 -22.90 -30.49
CA VAL A 199 -33.53 -22.34 -31.82
C VAL A 199 -35.01 -22.17 -32.15
N THR A 200 -35.32 -21.12 -32.90
CA THR A 200 -36.70 -20.84 -33.30
C THR A 200 -36.91 -21.14 -34.77
N PRO A 202 -40.86 -20.71 -36.96
CA PRO A 202 -42.21 -20.86 -37.52
C PRO A 202 -42.47 -22.28 -37.99
N SER A 203 -43.70 -22.76 -37.83
CA SER A 203 -44.09 -24.07 -38.36
C SER A 203 -43.98 -24.14 -39.88
N SER A 204 -43.85 -22.99 -40.55
CA SER A 204 -43.63 -22.94 -41.98
C SER A 204 -42.16 -23.03 -42.36
N SER A 205 -41.27 -23.19 -41.39
CA SER A 205 -39.83 -23.25 -41.64
C SER A 205 -39.35 -24.69 -41.84
N LEU A 206 -40.04 -25.42 -42.72
CA LEU A 206 -39.63 -26.75 -43.17
C LEU A 206 -39.46 -27.71 -41.99
N GLY A 207 -40.53 -27.85 -41.21
CA GLY A 207 -40.51 -28.74 -40.06
C GLY A 207 -40.30 -30.19 -40.44
N THR A 208 -39.24 -30.79 -39.87
CA THR A 208 -38.93 -32.20 -40.13
C THR A 208 -38.73 -32.95 -38.82
N GLN A 209 -37.66 -32.61 -38.10
CA GLN A 209 -37.42 -33.23 -36.81
C GLN A 209 -38.44 -32.76 -35.79
N THR A 210 -38.76 -33.63 -34.84
CA THR A 210 -39.67 -33.29 -33.76
C THR A 210 -38.97 -33.12 -32.41
N TYR A 211 -37.62 -33.16 -32.40
CA TYR A 211 -36.78 -32.93 -31.23
C TYR A 211 -35.31 -33.27 -31.52
N ILE A 212 -34.40 -32.30 -31.33
CA ILE A 212 -32.96 -32.52 -31.45
C ILE A 212 -32.24 -31.81 -30.31
N CYS A 213 -31.05 -32.33 -29.95
CA CYS A 213 -30.00 -31.69 -29.15
C CYS A 213 -28.83 -32.67 -28.99
N ASN A 214 -27.62 -32.22 -29.29
CA ASN A 214 -26.41 -33.02 -29.09
C ASN A 214 -25.60 -32.37 -27.97
N VAL A 215 -25.56 -33.03 -26.80
CA VAL A 215 -24.93 -32.49 -25.61
C VAL A 215 -23.72 -33.36 -25.26
N ASN A 216 -22.59 -32.70 -25.02
CA ASN A 216 -21.36 -33.38 -24.64
C ASN A 216 -20.87 -32.83 -23.32
N HIS A 217 -20.55 -33.72 -22.38
CA HIS A 217 -19.95 -33.37 -21.10
C HIS A 217 -18.70 -34.25 -20.94
N LYS A 218 -17.55 -33.69 -21.30
CA LYS A 218 -16.27 -34.39 -21.25
C LYS A 218 -15.80 -34.72 -19.83
N PRO A 219 -16.01 -33.86 -18.82
CA PRO A 219 -15.62 -34.25 -17.46
C PRO A 219 -16.24 -35.55 -16.99
N SER A 220 -17.48 -35.85 -17.40
CA SER A 220 -18.11 -37.12 -17.09
C SER A 220 -18.30 -38.00 -18.32
N ASN A 221 -17.81 -37.56 -19.49
CA ASN A 221 -17.79 -38.37 -20.70
C ASN A 221 -19.20 -38.83 -21.11
N THR A 222 -20.14 -37.89 -21.11
CA THR A 222 -21.51 -38.16 -21.53
C THR A 222 -21.73 -37.54 -22.90
N LYS A 223 -22.35 -38.31 -23.81
CA LYS A 223 -22.78 -37.83 -25.11
C LYS A 223 -24.24 -38.19 -25.27
N VAL A 224 -25.11 -37.20 -25.27
CA VAL A 224 -26.56 -37.40 -25.25
C VAL A 224 -27.16 -36.77 -26.50
N ASP A 225 -28.01 -37.52 -27.20
CA ASP A 225 -28.72 -37.02 -28.36
C ASP A 225 -30.22 -37.09 -28.07
N LYS A 226 -30.87 -35.93 -28.08
CA LYS A 226 -32.30 -35.84 -27.81
C LYS A 226 -33.04 -35.29 -29.02
N ILE B 2 -12.93 3.76 5.76
CA ILE B 2 -12.37 4.55 4.68
C ILE B 2 -13.07 4.19 3.36
N GLN B 3 -13.94 5.08 2.90
CA GLN B 3 -14.65 4.87 1.65
C GLN B 3 -13.76 5.24 0.46
N MET B 4 -14.17 4.79 -0.72
CA MET B 4 -13.41 5.05 -1.94
C MET B 4 -14.41 5.37 -3.05
N THR B 5 -14.01 5.13 -4.30
CA THR B 5 -14.85 5.46 -5.44
C THR B 5 -16.14 4.66 -5.43
N GLN B 6 -17.17 5.21 -4.80
CA GLN B 6 -18.51 4.62 -4.80
C GLN B 6 -19.51 5.39 -5.64
N SER B 7 -19.16 6.60 -6.08
CA SER B 7 -20.04 7.41 -6.91
C SER B 7 -19.42 7.56 -8.30
N PRO B 8 -19.93 6.88 -9.31
CA PRO B 8 -19.35 7.00 -10.65
C PRO B 8 -20.34 7.49 -11.69
N SER B 9 -20.39 6.80 -12.83
CA SER B 9 -21.39 7.09 -13.86
C SER B 9 -21.62 5.85 -14.72
N SER B 14 -23.75 1.65 -27.66
CA SER B 14 -24.37 2.63 -28.55
C SER B 14 -24.27 2.17 -30.00
N VAL B 15 -24.90 2.92 -30.91
CA VAL B 15 -24.85 2.63 -32.33
C VAL B 15 -23.64 3.30 -32.95
N GLY B 16 -22.45 2.97 -32.43
CA GLY B 16 -21.24 3.60 -32.91
C GLY B 16 -21.12 5.06 -32.56
N ASP B 17 -21.71 5.47 -31.43
CA ASP B 17 -21.67 6.86 -30.99
C ASP B 17 -20.41 7.09 -30.16
N ARG B 18 -19.49 7.88 -30.68
CA ARG B 18 -18.32 8.30 -29.92
C ARG B 18 -18.77 9.08 -28.70
N VAL B 19 -18.56 8.52 -27.51
CA VAL B 19 -19.12 9.07 -26.28
C VAL B 19 -18.05 9.29 -25.23
N THR B 20 -18.46 9.28 -23.96
CA THR B 20 -17.56 9.60 -22.86
C THR B 20 -18.15 9.03 -21.58
N ILE B 21 -17.27 8.49 -20.73
CA ILE B 21 -17.65 7.96 -19.43
C ILE B 21 -16.99 8.80 -18.35
N THR B 22 -17.80 9.33 -17.44
CA THR B 22 -17.29 10.12 -16.33
C THR B 22 -17.22 9.26 -15.07
N CYS B 23 -16.63 9.83 -14.02
CA CYS B 23 -16.48 9.13 -12.76
C CYS B 23 -16.20 10.14 -11.66
N ARG B 24 -16.53 9.77 -10.42
CA ARG B 24 -16.27 10.63 -9.27
C ARG B 24 -15.52 9.81 -8.22
N ALA B 25 -15.59 10.27 -6.97
CA ALA B 25 -14.92 9.59 -5.87
C ALA B 25 -15.48 10.14 -4.56
N SER B 26 -15.07 9.53 -3.45
CA SER B 26 -15.45 10.01 -2.13
C SER B 26 -14.46 11.01 -1.57
N GLN B 27 -13.21 10.98 -2.01
CA GLN B 27 -12.19 11.93 -1.58
C GLN B 27 -11.31 12.26 -2.78
N SER B 28 -10.41 13.23 -2.60
CA SER B 28 -9.49 13.60 -3.67
C SER B 28 -8.43 12.52 -3.85
N ILE B 29 -8.09 12.23 -5.09
CA ILE B 29 -7.16 11.14 -5.43
C ILE B 29 -6.16 11.60 -6.47
N ASN B 30 -5.92 12.91 -6.55
CA ASN B 30 -4.97 13.51 -7.49
C ASN B 30 -5.43 13.15 -8.91
N ASN B 31 -4.55 12.71 -9.80
CA ASN B 31 -4.89 12.43 -11.20
C ASN B 31 -4.33 11.06 -11.59
N TYR B 32 -4.92 10.01 -11.03
CA TYR B 32 -4.55 8.66 -11.43
C TYR B 32 -5.68 8.03 -12.22
N LEU B 33 -6.73 7.59 -11.51
CA LEU B 33 -7.83 6.78 -12.03
C LEU B 33 -7.48 6.05 -13.32
N ASN B 34 -6.51 5.15 -13.25
CA ASN B 34 -6.11 4.37 -14.43
C ASN B 34 -7.32 3.61 -14.96
N TRP B 35 -7.64 3.86 -16.22
CA TRP B 35 -8.80 3.25 -16.86
C TRP B 35 -8.38 2.00 -17.62
N TYR B 36 -9.17 0.94 -17.49
CA TYR B 36 -8.92 -0.29 -18.22
C TYR B 36 -10.16 -0.74 -18.98
N LEU B 46 -5.11 -2.74 -20.18
CA LEU B 46 -4.66 -1.41 -19.79
C LEU B 46 -4.88 -0.42 -20.93
N LEU B 47 -5.41 0.76 -20.60
CA LEU B 47 -5.68 1.79 -21.59
C LEU B 47 -4.98 3.10 -21.22
N ILE B 48 -5.41 3.79 -20.17
CA ILE B 48 -4.91 5.13 -19.85
C ILE B 48 -4.53 5.17 -18.38
N TYR B 49 -3.29 5.57 -18.10
CA TYR B 49 -2.85 5.88 -16.76
C TYR B 49 -2.54 7.37 -16.66
N ALA B 50 -2.21 7.80 -15.44
CA ALA B 50 -1.99 9.22 -15.13
C ALA B 50 -3.17 10.09 -15.52
N ALA B 51 -4.36 9.49 -15.62
CA ALA B 51 -5.62 10.17 -15.92
C ALA B 51 -5.65 10.84 -17.30
N SER B 52 -4.61 10.65 -18.11
CA SER B 52 -4.57 11.29 -19.43
C SER B 52 -3.55 10.61 -20.33
N THR B 53 -2.51 10.02 -19.75
CA THR B 53 -1.44 9.43 -20.54
C THR B 53 -1.91 8.13 -21.20
N LEU B 54 -1.50 7.95 -22.45
CA LEU B 54 -1.88 6.77 -23.23
C LEU B 54 -0.77 5.72 -23.15
N GLN B 55 -1.19 4.47 -22.99
CA GLN B 55 -0.24 3.36 -22.93
C GLN B 55 0.26 3.00 -24.33
N SER B 56 1.55 2.68 -24.42
CA SER B 56 2.16 2.27 -25.68
C SER B 56 1.43 1.06 -26.26
N GLY B 57 0.75 1.25 -27.39
CA GLY B 57 -0.07 0.22 -27.97
C GLY B 57 -1.57 0.47 -27.88
N VAL B 58 -1.98 1.63 -27.41
CA VAL B 58 -3.39 1.98 -27.28
C VAL B 58 -3.73 3.03 -28.33
N PRO B 59 -4.85 2.90 -29.04
CA PRO B 59 -5.20 3.91 -30.05
C PRO B 59 -5.38 5.29 -29.43
N SER B 60 -5.06 6.31 -30.23
CA SER B 60 -5.13 7.69 -29.76
C SER B 60 -6.56 8.20 -29.61
N ARG B 61 -7.56 7.46 -30.10
CA ARG B 61 -8.94 7.91 -29.98
C ARG B 61 -9.43 7.91 -28.54
N PHE B 62 -8.73 7.24 -27.64
CA PHE B 62 -9.06 7.24 -26.22
C PHE B 62 -8.31 8.37 -25.54
N SER B 63 -9.03 9.25 -24.85
CA SER B 63 -8.41 10.37 -24.15
C SER B 63 -8.94 10.45 -22.72
N GLY B 64 -8.08 10.89 -21.81
CA GLY B 64 -8.45 11.03 -20.42
C GLY B 64 -8.32 12.46 -19.94
N SER B 65 -9.12 12.81 -18.95
CA SER B 65 -9.06 14.15 -18.36
C SER B 65 -9.77 14.11 -17.01
N GLY B 66 -9.72 15.24 -16.31
CA GLY B 66 -10.43 15.42 -15.06
C GLY B 66 -9.50 15.65 -13.89
N SER B 67 -10.11 15.80 -12.71
CA SER B 67 -9.38 15.98 -11.46
C SER B 67 -9.99 15.07 -10.41
N GLY B 68 -9.43 15.13 -9.19
CA GLY B 68 -9.74 14.14 -8.17
C GLY B 68 -11.23 13.99 -7.88
N THR B 69 -11.96 15.10 -7.91
CA THR B 69 -13.40 15.02 -7.63
C THR B 69 -14.14 14.24 -8.72
N ASP B 70 -13.76 14.44 -9.99
CA ASP B 70 -14.41 13.76 -11.09
C ASP B 70 -13.49 13.76 -12.31
N PHE B 71 -13.48 12.64 -13.02
CA PHE B 71 -12.70 12.44 -14.24
C PHE B 71 -13.62 12.09 -15.40
N THR B 72 -13.05 12.14 -16.60
CA THR B 72 -13.74 11.79 -17.84
C THR B 72 -12.79 11.00 -18.74
N LEU B 73 -13.38 10.08 -19.50
CA LEU B 73 -12.68 9.31 -20.52
C LEU B 73 -13.50 9.39 -21.81
N THR B 74 -12.93 10.01 -22.83
CA THR B 74 -13.62 10.30 -24.08
C THR B 74 -13.13 9.38 -25.19
N ILE B 75 -14.08 8.76 -25.89
CA ILE B 75 -13.77 8.00 -27.09
C ILE B 75 -14.53 8.65 -28.24
N ASP B 82 -15.23 -2.49 -30.85
CA ASP B 82 -14.45 -2.39 -29.62
C ASP B 82 -15.36 -2.26 -28.42
N PHE B 83 -16.66 -2.42 -28.67
CA PHE B 83 -17.68 -2.37 -27.62
C PHE B 83 -17.45 -3.47 -26.59
N ALA B 84 -17.08 -3.10 -25.37
CA ALA B 84 -16.77 -4.08 -24.33
C ALA B 84 -16.93 -3.42 -22.97
N SER B 85 -16.42 -4.08 -21.93
CA SER B 85 -16.52 -3.58 -20.56
C SER B 85 -15.32 -2.72 -20.22
N TYR B 86 -15.54 -1.74 -19.34
CA TYR B 86 -14.51 -0.80 -18.93
C TYR B 86 -14.75 -0.37 -17.50
N TYR B 87 -13.66 -0.03 -16.81
CA TYR B 87 -13.69 1.03 -15.80
C TYR B 87 -12.31 1.28 -15.18
N CYS B 88 -12.29 2.12 -14.14
CA CYS B 88 -11.10 2.76 -13.62
C CYS B 88 -10.65 2.11 -12.31
N GLN B 89 -9.64 2.72 -11.69
CA GLN B 89 -8.98 2.17 -10.51
C GLN B 89 -8.26 3.31 -9.79
N GLN B 90 -8.25 3.26 -8.46
CA GLN B 90 -7.43 4.19 -7.70
C GLN B 90 -6.08 3.56 -7.41
N SER B 91 -5.07 4.41 -7.28
CA SER B 91 -3.72 3.92 -7.03
C SER B 91 -3.40 3.84 -5.54
N TYR B 92 -4.26 4.36 -4.68
CA TYR B 92 -4.13 4.20 -3.24
C TYR B 92 -4.81 2.90 -2.85
N ARG B 93 -5.05 2.70 -1.55
CA ARG B 93 -5.80 1.54 -1.12
C ARG B 93 -7.21 1.60 -1.68
N GLY B 94 -7.79 0.43 -1.92
CA GLY B 94 -9.14 0.35 -2.45
C GLY B 94 -9.19 0.08 -3.94
N THR B 95 -8.50 0.89 -4.73
CA THR B 95 -8.33 0.72 -6.18
C THR B 95 -9.70 0.73 -6.83
N PHE B 96 -10.03 -0.23 -7.70
CA PHE B 96 -11.30 -0.28 -8.43
C PHE B 96 -12.49 -0.16 -7.49
N GLN B 98 -16.33 -0.53 -9.78
CA GLN B 98 -17.44 -0.25 -10.68
C GLN B 98 -17.21 -0.87 -12.05
N GLY B 99 -18.29 -1.14 -12.76
CA GLY B 99 -18.20 -1.68 -14.11
C GLY B 99 -19.36 -1.25 -14.98
N THR B 100 -19.05 -0.68 -16.15
CA THR B 100 -20.06 -0.24 -17.10
C THR B 100 -19.89 -0.99 -18.42
N LYS B 101 -21.00 -1.36 -19.03
CA LYS B 101 -21.03 -2.21 -20.21
C LYS B 101 -21.56 -1.39 -21.38
N VAL B 102 -20.75 -1.26 -22.43
CA VAL B 102 -21.02 -0.29 -23.49
C VAL B 102 -21.15 -1.00 -24.83
N GLU B 103 -22.26 -1.69 -25.05
CA GLU B 103 -22.61 -2.20 -26.39
C GLU B 103 -24.13 -2.32 -26.46
N PHE B 104 -24.74 -1.61 -27.41
CA PHE B 104 -26.19 -1.70 -27.60
C PHE B 104 -26.65 -1.06 -28.91
N LYS B 105 -27.25 -1.85 -29.81
CA LYS B 105 -27.72 -1.38 -31.11
C LYS B 105 -29.04 -2.07 -31.45
N ARG B 106 -29.70 -1.56 -32.50
CA ARG B 106 -31.00 -2.01 -33.03
C ARG B 106 -32.14 -1.40 -32.22
N THR B 107 -33.30 -2.07 -32.20
CA THR B 107 -34.46 -1.60 -31.44
C THR B 107 -35.07 -2.72 -30.62
N ASN B 136 -32.13 -11.82 -29.75
CA ASN B 136 -33.51 -11.88 -30.17
C ASN B 136 -34.21 -10.53 -29.96
N PHE B 137 -33.94 -9.87 -28.83
CA PHE B 137 -34.59 -8.62 -28.48
C PHE B 137 -33.55 -7.58 -28.10
N TYR B 138 -33.96 -6.31 -28.20
CA TYR B 138 -33.14 -5.16 -27.84
C TYR B 138 -34.06 -4.11 -27.25
N PRO B 139 -33.63 -3.37 -26.20
CA PRO B 139 -32.31 -3.37 -25.56
C PRO B 139 -32.06 -4.53 -24.61
N ARG B 140 -31.36 -4.27 -23.50
CA ARG B 140 -31.12 -5.32 -22.52
C ARG B 140 -32.20 -5.33 -21.44
N GLU B 141 -32.65 -4.15 -21.03
CA GLU B 141 -33.64 -4.05 -19.97
C GLU B 141 -34.97 -4.62 -20.42
N ALA B 142 -35.53 -5.53 -19.61
CA ALA B 142 -36.81 -6.15 -19.93
C ALA B 142 -37.59 -6.45 -18.66
N TRP B 146 -43.95 -14.19 -13.13
CA TRP B 146 -44.63 -15.48 -13.03
C TRP B 146 -45.93 -15.34 -12.25
N LYS B 147 -47.03 -15.80 -12.86
CA LYS B 147 -48.37 -15.68 -12.28
C LYS B 147 -49.05 -17.04 -12.27
N VAL B 148 -48.84 -17.80 -11.20
CA VAL B 148 -49.63 -18.99 -10.95
C VAL B 148 -50.99 -18.58 -10.37
N ASP B 149 -51.97 -19.48 -10.46
CA ASP B 149 -53.33 -19.15 -10.05
C ASP B 149 -53.43 -18.70 -8.60
N ASN B 150 -52.44 -19.03 -7.77
CA ASN B 150 -52.45 -18.64 -6.35
C ASN B 150 -51.43 -17.52 -6.14
N ALA B 151 -51.79 -16.33 -6.61
CA ALA B 151 -51.00 -15.11 -6.44
C ALA B 151 -49.62 -15.32 -7.07
N LEU B 152 -48.61 -14.59 -6.60
CA LEU B 152 -47.24 -14.74 -7.07
C LEU B 152 -46.48 -15.61 -6.08
N GLN B 153 -46.15 -16.82 -6.50
CA GLN B 153 -45.37 -17.73 -5.67
C GLN B 153 -43.88 -17.52 -5.91
N SER B 154 -42.61 -18.17 -1.35
CA SER B 154 -42.98 -19.58 -1.37
C SER B 154 -43.07 -20.09 -2.81
N GLY B 155 -42.07 -20.85 -3.22
CA GLY B 155 -42.02 -21.32 -4.59
C GLY B 155 -41.73 -20.25 -5.60
N ASN B 156 -40.98 -19.21 -5.22
CA ASN B 156 -40.68 -18.11 -6.12
C ASN B 156 -39.83 -18.57 -7.29
N SER B 157 -38.87 -19.44 -7.03
CA SER B 157 -38.01 -20.04 -8.07
C SER B 157 -37.30 -18.91 -8.82
N GLN B 158 -37.25 -18.95 -10.14
CA GLN B 158 -36.58 -17.91 -10.92
C GLN B 158 -37.43 -17.50 -12.12
N VAL B 161 -29.43 -14.73 -19.59
CA VAL B 161 -29.43 -13.91 -20.79
C VAL B 161 -28.14 -14.13 -21.57
N THR B 162 -28.20 -14.00 -22.89
CA THR B 162 -27.05 -14.16 -23.75
C THR B 162 -26.44 -12.80 -24.09
N GLU B 163 -25.23 -12.85 -24.64
CA GLU B 163 -24.58 -11.64 -25.11
C GLU B 163 -25.30 -11.10 -26.34
N GLN B 164 -24.96 -9.86 -26.70
CA GLN B 164 -25.55 -9.23 -27.87
C GLN B 164 -25.17 -10.00 -29.13
N ASP B 165 -26.17 -10.47 -29.88
CA ASP B 165 -25.92 -11.24 -31.08
C ASP B 165 -25.16 -10.40 -32.10
N SER B 166 -24.14 -11.00 -32.70
CA SER B 166 -23.27 -10.28 -33.64
C SER B 166 -23.94 -10.00 -34.97
N LYS B 167 -25.16 -10.46 -35.20
CA LYS B 167 -25.84 -10.28 -36.48
C LYS B 167 -26.87 -9.15 -36.42
N ASP B 168 -27.83 -9.22 -35.49
CA ASP B 168 -28.89 -8.23 -35.38
C ASP B 168 -28.76 -7.37 -34.13
N SER B 169 -27.68 -7.54 -33.36
CA SER B 169 -27.45 -6.76 -32.14
C SER B 169 -28.63 -6.87 -31.17
N THR B 170 -29.06 -8.11 -30.93
CA THR B 170 -30.20 -8.37 -30.06
C THR B 170 -29.81 -9.37 -28.98
N TYR B 171 -30.61 -9.40 -27.92
CA TYR B 171 -30.36 -10.24 -26.76
C TYR B 171 -31.39 -11.36 -26.71
N SER B 172 -31.04 -12.42 -25.96
CA SER B 172 -31.93 -13.56 -25.74
C SER B 172 -31.93 -13.89 -24.26
N LEU B 173 -33.11 -13.92 -23.66
CA LEU B 173 -33.27 -14.14 -22.22
C LEU B 173 -34.13 -15.35 -21.96
N SER B 174 -33.85 -16.03 -20.84
CA SER B 174 -34.59 -17.22 -20.44
C SER B 174 -34.76 -17.23 -18.94
N SER B 175 -35.98 -17.51 -18.48
CA SER B 175 -36.29 -17.63 -17.06
C SER B 175 -36.92 -18.98 -16.80
N THR B 176 -36.53 -19.61 -15.69
CA THR B 176 -36.95 -20.96 -15.35
C THR B 176 -37.61 -20.96 -13.97
N LEU B 177 -38.83 -21.50 -13.90
CA LEU B 177 -39.57 -21.60 -12.65
C LEU B 177 -39.48 -23.03 -12.15
N THR B 178 -38.73 -23.23 -11.08
CA THR B 178 -38.49 -24.56 -10.51
C THR B 178 -39.48 -24.81 -9.38
N LEU B 179 -40.21 -25.92 -9.48
CA LEU B 179 -41.14 -26.32 -8.42
C LEU B 179 -41.15 -27.83 -8.24
N ALA B 182 -44.25 -30.76 -7.89
CA ALA B 182 -44.49 -32.06 -7.29
C ALA B 182 -45.95 -32.20 -6.87
N ASP B 183 -46.29 -31.66 -5.69
CA ASP B 183 -47.66 -31.68 -5.24
C ASP B 183 -48.57 -30.89 -6.18
N TYR B 184 -48.05 -29.82 -6.78
CA TYR B 184 -48.80 -29.08 -7.79
C TYR B 184 -49.14 -29.97 -8.98
N GLU B 185 -48.21 -30.83 -9.38
CA GLU B 185 -48.39 -31.68 -10.54
C GLU B 185 -49.49 -32.73 -10.30
N HIS B 187 -52.21 -26.69 -8.08
CA HIS B 187 -52.64 -25.60 -8.95
C HIS B 187 -52.91 -26.14 -10.35
N LYS B 188 -53.22 -25.24 -11.28
CA LYS B 188 -53.53 -25.65 -12.65
C LYS B 188 -53.06 -24.59 -13.65
N VAL B 189 -53.23 -23.32 -13.31
CA VAL B 189 -52.88 -22.24 -14.21
C VAL B 189 -51.47 -21.76 -13.93
N ALA B 191 -48.88 -18.69 -15.96
CA ALA B 191 -48.72 -17.59 -16.90
C ALA B 191 -47.44 -16.81 -16.61
N CYS B 192 -46.67 -16.52 -17.64
CA CYS B 192 -45.41 -15.80 -17.50
C CYS B 192 -45.48 -14.42 -18.15
N THR B 195 -42.97 -7.78 -20.06
CA THR B 195 -42.84 -6.33 -20.06
C THR B 195 -41.55 -5.89 -20.73
N HIS B 196 -41.67 -5.03 -21.73
CA HIS B 196 -40.50 -4.55 -22.46
C HIS B 196 -40.85 -3.23 -23.12
N GLN B 197 -39.80 -2.51 -23.54
CA GLN B 197 -39.99 -1.22 -24.18
C GLN B 197 -40.73 -1.35 -25.51
N GLY B 198 -40.40 -2.37 -26.29
CA GLY B 198 -41.04 -2.57 -27.58
C GLY B 198 -42.49 -3.02 -27.49
N LEU B 199 -43.00 -3.27 -26.28
CA LEU B 199 -44.36 -3.71 -26.08
C LEU B 199 -45.18 -2.59 -25.46
N SER B 200 -46.30 -2.26 -26.09
CA SER B 200 -47.17 -1.22 -25.55
C SER B 200 -47.93 -1.69 -24.32
N SER B 201 -48.13 -3.00 -24.17
CA SER B 201 -48.82 -3.55 -23.00
C SER B 201 -48.18 -4.85 -22.55
N MET C 4 -12.58 14.14 6.76
CA MET C 4 -11.76 13.07 7.31
C MET C 4 -10.54 12.81 6.43
N GLU C 5 -10.56 13.39 5.23
CA GLU C 5 -9.48 13.19 4.27
C GLU C 5 -8.14 13.65 4.84
N ILE C 6 -7.28 12.70 5.18
CA ILE C 6 -5.97 13.00 5.75
C ILE C 6 -4.90 12.30 4.92
N ILE C 7 -5.06 12.33 3.59
CA ILE C 7 -4.10 11.69 2.71
C ILE C 7 -2.79 12.46 2.74
N LEU C 8 -1.69 11.74 2.87
CA LEU C 8 -0.35 12.30 2.97
C LEU C 8 0.42 11.94 1.71
N THR C 9 1.11 12.91 1.12
CA THR C 9 2.00 12.57 0.03
C THR C 9 3.26 11.92 0.59
N LEU C 10 4.10 11.39 -0.32
CA LEU C 10 5.28 10.65 0.13
C LEU C 10 6.26 11.57 0.86
N SER C 11 6.47 12.78 0.34
CA SER C 11 7.34 13.73 1.03
C SER C 11 6.73 14.18 2.35
N GLN C 12 5.41 14.45 2.35
CA GLN C 12 4.74 14.81 3.60
C GLN C 12 4.84 13.68 4.61
N GLY C 13 4.51 12.46 4.18
CA GLY C 13 4.59 11.33 5.09
C GLY C 13 5.99 11.10 5.64
N LEU C 14 7.01 11.26 4.78
CA LEU C 14 8.39 11.13 5.24
C LEU C 14 8.76 12.21 6.24
N LYS C 15 8.33 13.46 5.98
CA LYS C 15 8.60 14.54 6.92
C LYS C 15 7.92 14.29 8.26
N LYS C 16 6.71 13.73 8.22
CA LYS C 16 6.00 13.42 9.47
C LYS C 16 6.68 12.28 10.22
N TYR C 17 7.12 11.26 9.49
CA TYR C 17 7.88 10.18 10.11
C TYR C 17 9.16 10.70 10.76
N TYR C 18 9.84 11.64 10.07
CA TYR C 18 11.06 12.22 10.62
C TYR C 18 10.77 13.09 11.83
N GLY C 19 9.62 13.78 11.82
CA GLY C 19 9.23 14.56 12.99
C GLY C 19 8.96 13.69 14.19
N LYS C 20 8.28 12.55 13.98
CA LYS C 20 8.08 11.60 15.07
C LYS C 20 9.41 11.05 15.56
N ILE C 21 10.32 10.72 14.64
CA ILE C 21 11.65 10.25 15.03
C ILE C 21 12.37 11.28 15.86
N LEU C 22 12.31 12.55 15.45
CA LEU C 22 12.95 13.63 16.17
C LEU C 22 12.34 13.81 17.55
N LYS C 23 11.02 13.67 17.64
CA LYS C 23 10.34 13.77 18.92
C LYS C 23 10.76 12.65 19.87
N LEU C 24 10.85 11.43 19.36
CA LEU C 24 11.31 10.33 20.21
C LEU C 24 12.79 10.45 20.53
N LEU C 25 13.57 11.08 19.66
CA LEU C 25 14.96 11.39 19.96
C LEU C 25 15.11 12.53 20.94
N HIS C 26 14.00 13.16 21.36
CA HIS C 26 14.00 14.30 22.28
C HIS C 26 14.79 15.47 21.72
N LEU C 27 14.87 15.58 20.39
CA LEU C 27 15.43 16.76 19.74
C LEU C 27 14.39 17.83 19.48
N THR C 28 13.13 17.43 19.26
CA THR C 28 12.01 18.35 19.13
C THR C 28 10.97 18.02 20.18
N LEU C 29 10.26 19.06 20.64
CA LEU C 29 9.18 18.87 21.58
C LEU C 29 7.82 18.68 20.90
N GLU C 30 7.76 18.84 19.59
CA GLU C 30 6.52 18.75 18.85
C GLU C 30 6.71 17.85 17.63
N GLU C 31 5.60 17.45 17.04
CA GLU C 31 5.62 16.63 15.84
C GLU C 31 4.38 16.92 15.02
N ASP C 32 4.47 16.55 13.75
CA ASP C 32 3.39 16.68 12.77
C ASP C 32 3.27 15.30 12.13
N THR C 33 2.21 14.56 12.45
CA THR C 33 2.15 13.15 12.09
C THR C 33 0.73 12.68 11.71
N GLU C 34 -0.24 13.58 11.59
CA GLU C 34 -1.63 13.18 11.38
C GLU C 34 -1.79 12.42 10.08
N GLY C 35 -2.43 11.26 10.15
CA GLY C 35 -2.60 10.41 8.99
C GLY C 35 -1.42 9.50 8.70
N LEU C 36 -0.47 9.37 9.62
CA LEU C 36 0.71 8.55 9.35
C LEU C 36 0.47 7.07 9.61
N LEU C 37 -0.50 6.69 10.43
CA LEU C 37 -0.78 5.28 10.61
C LEU C 37 -1.23 4.66 9.30
N GLU C 38 -2.20 5.28 8.63
CA GLU C 38 -2.65 4.78 7.33
C GLU C 38 -1.57 4.97 6.27
N TRP C 39 -0.80 6.05 6.35
CA TRP C 39 0.30 6.25 5.41
C TRP C 39 1.33 5.13 5.52
N CYS C 40 1.64 4.72 6.74
CA CYS C 40 2.52 3.57 6.96
C CYS C 40 1.90 2.31 6.40
N LYS C 41 0.65 2.03 6.79
CA LYS C 41 0.01 0.79 6.36
C LYS C 41 -0.17 0.72 4.85
N ARG C 42 -0.12 1.85 4.16
CA ARG C 42 -0.28 1.88 2.71
C ARG C 42 1.04 1.88 1.95
N ASN C 43 2.01 2.70 2.35
CA ASN C 43 3.27 2.80 1.63
C ASN C 43 4.39 1.95 2.22
N LEU C 44 4.18 1.34 3.39
CA LEU C 44 5.18 0.49 4.01
C LEU C 44 4.67 -0.91 4.31
N GLY C 45 3.40 -1.06 4.68
CA GLY C 45 2.80 -2.35 4.94
C GLY C 45 2.89 -2.82 6.37
N SER C 46 3.44 -2.02 7.27
CA SER C 46 3.59 -2.40 8.67
C SER C 46 3.01 -1.31 9.56
N ASN C 47 2.76 -1.68 10.81
CA ASN C 47 2.18 -0.76 11.77
C ASN C 47 3.23 0.24 12.26
N CYS C 48 2.76 1.43 12.60
CA CYS C 48 3.67 2.47 13.09
C CYS C 48 3.35 2.85 14.53
N ASP C 49 3.37 1.87 15.42
CA ASP C 49 3.22 2.13 16.85
C ASP C 49 4.57 2.55 17.45
N ASP C 50 4.57 2.87 18.73
CA ASP C 50 5.80 3.32 19.39
C ASP C 50 6.89 2.26 19.31
N ASP C 51 6.53 0.98 19.54
CA ASP C 51 7.50 -0.10 19.49
C ASP C 51 8.20 -0.16 18.13
N PHE C 52 7.43 0.00 17.05
CA PHE C 52 8.01 0.03 15.71
C PHE C 52 9.11 1.08 15.63
N PHE C 53 8.78 2.32 16.00
CA PHE C 53 9.76 3.40 15.95
C PHE C 53 10.99 3.09 16.80
N GLN C 54 10.77 2.60 18.02
CA GLN C 54 11.90 2.24 18.88
C GLN C 54 12.83 1.28 18.16
N LYS C 55 12.27 0.24 17.54
CA LYS C 55 13.12 -0.75 16.86
C LYS C 55 13.83 -0.16 15.65
N ARG C 56 13.17 0.72 14.89
CA ARG C 56 13.84 1.32 13.74
C ARG C 56 15.03 2.16 14.20
N ILE C 57 14.83 2.99 15.23
CA ILE C 57 15.92 3.83 15.71
C ILE C 57 17.04 2.98 16.29
N GLU C 58 16.68 1.96 17.08
CA GLU C 58 17.66 0.98 17.54
C GLU C 58 18.51 0.47 16.39
N GLU C 59 17.88 -0.21 15.43
CA GLU C 59 18.65 -0.88 14.38
C GLU C 59 19.40 0.10 13.50
N PHE C 60 19.02 1.37 13.47
CA PHE C 60 19.84 2.32 12.73
C PHE C 60 21.08 2.71 13.53
N PHE C 61 20.91 3.09 14.79
CA PHE C 61 22.04 3.59 15.56
C PHE C 61 22.81 2.49 16.29
N ILE C 62 22.16 1.38 16.63
CA ILE C 62 22.81 0.20 17.16
C ILE C 62 22.35 -0.99 16.30
N THR C 63 22.91 -2.17 16.58
CA THR C 63 22.55 -3.40 15.87
C THR C 63 22.41 -3.18 14.37
N GLY C 64 23.24 -2.31 13.81
CA GLY C 64 23.12 -1.97 12.41
C GLY C 64 23.57 -3.08 11.50
N GLU C 65 22.97 -3.16 10.32
CA GLU C 65 23.18 -4.25 9.37
C GLU C 65 23.44 -3.68 7.98
N GLY C 66 24.69 -3.30 7.71
CA GLY C 66 25.13 -2.94 6.38
C GLY C 66 24.39 -1.79 5.72
N TYR C 67 23.62 -2.10 4.69
CA TYR C 67 22.94 -1.12 3.86
C TYR C 67 21.61 -0.72 4.49
N PHE C 68 21.09 0.43 4.06
CA PHE C 68 19.81 0.92 4.57
C PHE C 68 19.18 1.85 3.54
N ASN C 69 17.90 2.14 3.74
CA ASN C 69 17.15 3.07 2.90
C ASN C 69 16.85 4.35 3.69
N GLU C 70 16.14 5.27 3.01
CA GLU C 70 15.80 6.56 3.62
C GLU C 70 14.76 6.42 4.73
N VAL C 71 14.03 5.30 4.77
CA VAL C 71 13.05 5.05 5.81
C VAL C 71 13.65 4.31 7.00
N LEU C 72 14.97 4.13 7.03
CA LEU C 72 15.69 3.49 8.14
C LEU C 72 15.41 1.98 8.23
N GLN C 73 15.24 1.36 7.07
CA GLN C 73 15.05 -0.09 6.98
C GLN C 73 16.31 -0.72 6.39
N PHE C 74 16.75 -1.82 6.99
CA PHE C 74 17.96 -2.52 6.58
C PHE C 74 17.60 -3.82 5.86
N LYS C 75 18.62 -4.39 5.22
CA LYS C 75 18.47 -5.60 4.40
C LYS C 75 18.98 -6.81 5.20
N THR C 76 18.17 -7.23 6.18
CA THR C 76 18.46 -8.38 7.02
C THR C 76 19.88 -8.33 7.57
N LEU C 77 20.75 -9.23 7.10
CA LEU C 77 22.16 -9.17 7.44
C LEU C 77 23.00 -9.20 6.18
N SER C 78 22.97 -10.31 5.46
CA SER C 78 23.69 -10.40 4.19
C SER C 78 22.97 -9.59 3.11
N THR C 79 23.72 -9.21 2.08
CA THR C 79 23.17 -8.41 0.99
C THR C 79 22.21 -9.23 0.13
N GLU C 94 12.10 1.70 -8.48
CA GLU C 94 13.00 1.43 -7.37
C GLU C 94 12.58 2.24 -6.15
N PRO C 95 11.79 1.63 -5.26
CA PRO C 95 11.30 2.37 -4.08
C PRO C 95 12.27 2.32 -2.92
N PHE C 96 11.80 1.82 -1.77
CA PHE C 96 12.66 1.65 -0.61
C PHE C 96 13.70 0.57 -0.81
N LYS C 97 13.56 -0.26 -1.85
CA LYS C 97 14.45 -1.38 -2.14
C LYS C 97 15.79 -0.88 -2.65
N SER C 98 16.10 0.39 -2.40
CA SER C 98 17.43 0.89 -2.77
C SER C 98 18.49 0.32 -1.85
N TYR C 99 18.28 0.45 -0.54
CA TYR C 99 19.25 0.04 0.48
C TYR C 99 20.65 0.48 0.09
N PHE C 100 20.78 1.79 -0.12
CA PHE C 100 22.06 2.42 -0.45
C PHE C 100 22.61 3.01 0.84
N ALA C 101 23.56 2.31 1.46
CA ALA C 101 24.22 2.85 2.64
C ALA C 101 24.98 4.11 2.29
N LYS C 102 24.40 5.26 2.59
CA LYS C 102 25.09 6.52 2.40
C LYS C 102 25.93 6.84 3.62
N GLY C 103 26.90 7.73 3.43
CA GLY C 103 27.67 8.23 4.56
C GLY C 103 26.82 8.93 5.60
N PHE C 104 25.66 9.43 5.22
CA PHE C 104 24.79 10.15 6.12
C PHE C 104 23.33 9.89 5.77
N LEU C 105 22.45 10.36 6.63
CA LEU C 105 21.01 10.38 6.39
C LEU C 105 20.48 11.75 6.74
N SER C 106 19.71 12.34 5.85
CA SER C 106 19.19 13.69 6.05
C SER C 106 17.81 13.61 6.67
N ILE C 107 17.77 13.53 8.01
CA ILE C 107 16.50 13.49 8.73
C ILE C 107 15.95 14.91 8.77
N ASP C 108 15.09 15.24 7.81
CA ASP C 108 14.47 16.56 7.71
C ASP C 108 12.97 16.40 7.80
N SER C 109 12.38 16.95 8.86
CA SER C 109 10.93 16.93 9.06
C SER C 109 10.24 18.14 8.47
N GLY C 110 10.99 19.11 7.94
CA GLY C 110 10.45 20.36 7.50
C GLY C 110 10.52 21.46 8.54
N TYR C 111 10.46 21.10 9.82
CA TYR C 111 10.55 22.05 10.92
C TYR C 111 11.91 22.03 11.59
N PHE C 112 12.68 20.96 11.42
CA PHE C 112 13.99 20.84 12.05
C PHE C 112 14.77 19.76 11.31
N SER C 113 15.97 20.09 10.88
CA SER C 113 16.80 19.18 10.10
C SER C 113 17.93 18.63 10.95
N ALA C 114 18.42 17.44 10.58
CA ALA C 114 19.51 16.82 11.30
C ALA C 114 20.21 15.81 10.39
N LYS C 115 21.54 15.90 10.34
CA LYS C 115 22.35 14.98 9.53
C LYS C 115 22.79 13.83 10.43
N CYS C 116 22.06 12.72 10.40
CA CYS C 116 22.32 11.60 11.28
C CYS C 116 23.25 10.59 10.63
N TYR C 117 24.16 10.04 11.43
CA TYR C 117 25.17 9.11 10.95
C TYR C 117 24.82 7.70 11.39
N PRO C 118 24.94 6.71 10.51
CA PRO C 118 24.67 5.33 10.89
C PRO C 118 25.81 4.75 11.73
N ARG C 119 25.58 3.54 12.23
CA ARG C 119 26.54 2.90 13.10
C ARG C 119 27.82 2.56 12.35
N SER C 120 28.90 2.43 13.12
CA SER C 120 30.20 2.03 12.57
C SER C 120 30.97 1.25 13.62
N SER C 121 32.29 1.48 13.70
CA SER C 121 33.11 0.91 14.75
C SER C 121 33.34 1.86 15.92
N THR C 122 33.08 3.14 15.74
CA THR C 122 33.27 4.15 16.79
C THR C 122 31.96 4.62 17.39
N SER C 123 30.86 4.58 16.63
CA SER C 123 29.55 4.90 17.21
C SER C 123 29.06 3.79 18.13
N GLY C 124 29.43 2.54 17.84
CA GLY C 124 29.10 1.45 18.74
C GLY C 124 29.89 1.50 20.04
N LEU C 125 31.13 2.01 19.98
CA LEU C 125 31.92 2.18 21.20
C LEU C 125 31.41 3.33 22.06
N GLN C 126 30.81 4.34 21.44
CA GLN C 126 30.43 5.56 22.14
C GLN C 126 29.06 5.50 22.80
N LEU C 127 28.26 4.47 22.53
CA LEU C 127 26.90 4.43 23.05
C LEU C 127 26.93 4.14 24.56
N ILE C 128 26.55 5.13 25.35
CA ILE C 128 26.43 4.99 26.79
C ILE C 128 24.97 4.73 27.09
N ASN C 129 24.68 4.18 28.28
CA ASN C 129 23.30 3.98 28.67
C ASN C 129 22.91 5.02 29.72
N VAL C 130 22.31 6.12 29.27
CA VAL C 130 21.79 7.11 30.19
C VAL C 130 20.52 6.52 30.81
N THR C 131 20.68 5.83 31.93
CA THR C 131 19.54 5.26 32.64
C THR C 131 19.48 5.67 34.10
N GLN C 132 20.59 6.13 34.70
CA GLN C 132 20.56 6.74 36.02
C GLN C 132 21.10 8.16 35.93
N HIS C 133 21.48 8.74 37.07
CA HIS C 133 22.06 10.07 37.09
C HIS C 133 22.79 10.23 38.41
N PRO C 134 23.93 10.91 38.44
CA PRO C 134 24.66 11.07 39.70
C PRO C 134 24.02 12.13 40.59
N ALA C 135 24.69 12.48 41.69
CA ALA C 135 24.23 13.54 42.57
C ALA C 135 25.11 14.77 42.50
N ARG C 136 26.03 14.83 41.52
CA ARG C 136 27.01 15.90 41.36
C ARG C 136 27.51 16.40 42.71
N ILE C 137 27.69 17.72 42.84
CA ILE C 137 28.03 18.35 44.11
C ILE C 137 27.05 19.51 44.30
N ALA C 138 26.73 19.78 45.57
CA ALA C 138 25.80 20.83 45.96
C ALA C 138 26.05 22.13 45.20
N GLU C 139 27.05 22.90 45.61
CA GLU C 139 27.43 24.15 44.95
C GLU C 139 28.70 24.71 45.57
N THR C 140 29.85 24.36 45.01
CA THR C 140 31.11 24.88 45.53
C THR C 140 31.14 26.40 45.36
N PRO C 141 31.72 27.13 46.31
CA PRO C 141 31.79 28.59 46.16
C PRO C 141 32.67 29.00 44.98
N GLY C 142 32.11 28.92 43.78
CA GLY C 142 32.84 29.25 42.58
C GLY C 142 32.29 30.48 41.89
N PRO C 143 33.05 31.01 40.94
CA PRO C 143 32.63 32.23 40.25
C PRO C 143 31.60 31.96 39.16
N LYS C 144 30.74 32.96 38.95
CA LYS C 144 29.70 32.90 37.94
C LYS C 144 30.04 33.72 36.70
N THR C 145 31.17 34.42 36.70
CA THR C 145 31.53 35.28 35.57
C THR C 145 32.84 34.85 34.93
N THR C 146 32.97 33.57 34.61
CA THR C 146 34.12 33.09 33.87
C THR C 146 33.98 33.48 32.41
N SER C 147 35.12 33.80 31.77
CA SER C 147 35.11 34.23 30.39
C SER C 147 35.37 33.01 29.49
N LEU C 148 35.72 33.25 28.22
CA LEU C 148 35.95 32.18 27.27
C LEU C 148 37.38 31.66 27.29
N LYS C 149 38.37 32.55 27.36
CA LYS C 149 39.77 32.13 27.32
C LYS C 149 40.09 31.20 28.49
N THR C 150 39.79 31.64 29.70
CA THR C 150 39.99 30.82 30.89
C THR C 150 38.74 29.98 31.18
N ILE C 151 38.95 28.73 31.55
CA ILE C 151 37.85 27.85 31.95
C ILE C 151 38.29 26.99 33.12
N ASN C 152 39.37 26.22 32.93
CA ASN C 152 39.90 25.26 33.90
C ASN C 152 38.89 24.19 34.30
N CYS C 153 37.76 24.12 33.62
CA CYS C 153 36.78 23.09 33.91
C CYS C 153 37.28 21.73 33.44
N ILE C 154 36.72 20.68 34.03
CA ILE C 154 36.99 19.32 33.57
C ILE C 154 35.95 18.88 32.54
N ASN C 155 34.73 19.42 32.63
CA ASN C 155 33.68 19.07 31.69
C ASN C 155 33.72 19.89 30.41
N LEU C 156 34.54 20.94 30.34
CA LEU C 156 34.49 21.89 29.26
C LEU C 156 35.87 22.12 28.67
N ARG C 157 35.94 22.16 27.34
CA ARG C 157 37.12 22.52 26.58
C ARG C 157 36.71 23.59 25.58
N ALA C 158 37.57 24.58 25.36
CA ALA C 158 37.24 25.71 24.51
C ALA C 158 38.32 25.92 23.47
N SER C 159 37.92 26.00 22.20
CA SER C 159 38.82 26.28 21.11
C SER C 159 38.33 27.51 20.35
N VAL C 160 39.26 28.39 20.00
CA VAL C 160 38.95 29.62 19.30
C VAL C 160 39.75 29.65 18.01
N PHE C 161 39.06 29.64 16.87
CA PHE C 161 39.69 29.77 15.57
C PHE C 161 39.51 31.22 15.12
N LYS C 162 40.52 32.04 15.43
CA LYS C 162 40.56 33.42 14.96
C LYS C 162 40.71 33.51 13.45
N GLU C 163 41.05 32.40 12.79
CA GLU C 163 41.14 32.38 11.34
C GLU C 163 39.77 32.34 10.68
N HIS C 164 38.79 31.73 11.34
CA HIS C 164 37.43 31.67 10.84
C HIS C 164 36.46 32.53 11.65
N ARG C 165 36.95 33.24 12.66
CA ARG C 165 36.09 33.92 13.64
C ARG C 165 35.07 32.94 14.20
N GLU C 166 35.56 31.79 14.64
CA GLU C 166 34.69 30.70 15.06
C GLU C 166 35.09 30.21 16.45
N VAL C 167 34.13 29.70 17.20
CA VAL C 167 34.35 29.21 18.55
C VAL C 167 33.74 27.81 18.67
N GLU C 168 34.58 26.84 19.01
CA GLU C 168 34.10 25.49 19.33
C GLU C 168 34.10 25.30 20.84
N ILE C 169 32.98 24.86 21.37
CA ILE C 169 32.79 24.56 22.78
C ILE C 169 32.63 23.06 22.87
N ASN C 170 33.72 22.36 23.17
CA ASN C 170 33.71 20.93 23.39
C ASN C 170 33.23 20.63 24.80
N VAL C 171 32.23 19.77 24.92
CA VAL C 171 31.76 19.32 26.22
C VAL C 171 32.16 17.87 26.40
N LEU C 172 32.58 17.53 27.63
CA LEU C 172 32.94 16.17 27.98
C LEU C 172 31.90 15.47 28.84
N LEU C 173 31.02 16.23 29.48
CA LEU C 173 29.96 15.70 30.34
C LEU C 173 28.61 16.09 29.76
N PRO C 174 28.00 15.21 28.97
CA PRO C 174 26.69 15.55 28.38
C PRO C 174 25.58 15.65 29.42
N GLN C 175 25.67 14.91 30.53
CA GLN C 175 24.64 15.01 31.56
C GLN C 175 24.56 16.41 32.13
N ILE C 176 25.71 17.03 32.37
CA ILE C 176 25.75 18.44 32.74
C ILE C 176 25.25 19.26 31.57
N ALA C 177 24.18 20.03 31.78
CA ALA C 177 23.58 20.80 30.72
C ALA C 177 24.33 22.11 30.50
N VAL C 178 24.15 22.68 29.32
CA VAL C 178 24.70 23.99 28.98
C VAL C 178 23.62 24.79 28.28
N ASN C 179 22.81 25.51 29.06
CA ASN C 179 21.69 26.25 28.48
C ASN C 179 22.21 27.46 27.72
N LEU C 180 21.68 27.67 26.52
CA LEU C 180 22.03 28.81 25.70
C LEU C 180 20.95 29.87 25.85
N SER C 181 21.32 31.11 25.59
CA SER C 181 20.37 32.22 25.69
C SER C 181 20.71 33.25 24.63
N ASN C 182 19.69 33.60 23.82
CA ASN C 182 19.84 34.52 22.69
C ASN C 182 21.01 34.09 21.81
N CYS C 183 21.00 32.83 21.41
CA CYS C 183 22.14 32.23 20.73
C CYS C 183 21.65 31.36 19.58
N HIS C 184 22.56 31.14 18.63
CA HIS C 184 22.30 30.33 17.44
C HIS C 184 23.55 29.50 17.17
N VAL C 185 23.51 28.23 17.54
CA VAL C 185 24.69 27.38 17.53
C VAL C 185 24.44 26.19 16.62
N VAL C 186 25.51 25.49 16.27
CA VAL C 186 25.44 24.23 15.56
C VAL C 186 26.24 23.21 16.35
N ILE C 187 25.58 22.14 16.80
CA ILE C 187 26.24 21.08 17.55
C ILE C 187 26.48 19.90 16.62
N ASN C 188 27.72 19.43 16.60
CA ASN C 188 28.14 18.29 15.79
C ASN C 188 28.43 17.12 16.72
N SER C 189 27.67 16.04 16.58
CA SER C 189 27.85 14.83 17.37
C SER C 189 28.37 13.71 16.49
N HIS C 190 28.73 12.59 17.11
CA HIS C 190 29.08 11.41 16.36
C HIS C 190 27.86 10.57 15.97
N VAL C 191 26.67 10.99 16.38
CA VAL C 191 25.44 10.33 15.97
C VAL C 191 24.60 11.19 15.04
N CYS C 192 24.61 12.51 15.21
CA CYS C 192 23.81 13.42 14.40
C CYS C 192 24.27 14.86 14.59
N ASP C 193 24.60 15.54 13.50
CA ASP C 193 24.92 16.96 13.52
C ASP C 193 23.67 17.77 13.19
N TYR C 194 23.47 18.87 13.91
CA TYR C 194 22.31 19.71 13.68
C TYR C 194 22.54 21.03 14.40
N SER C 195 21.71 22.02 14.07
CA SER C 195 21.82 23.35 14.64
C SER C 195 20.67 23.60 15.60
N LEU C 196 20.96 24.31 16.70
CA LEU C 196 19.97 24.67 17.69
C LEU C 196 19.94 26.19 17.87
N ASP C 197 18.72 26.73 17.91
CA ASP C 197 18.49 28.14 18.17
C ASP C 197 17.62 28.39 19.38
N THR C 198 16.89 27.39 19.86
CA THR C 198 16.04 27.55 21.03
C THR C 198 16.88 27.79 22.27
N ASP C 199 16.54 28.85 23.01
CA ASP C 199 17.27 29.17 24.22
C ASP C 199 16.91 28.20 25.34
N GLY C 200 17.93 27.65 25.99
CA GLY C 200 17.74 26.67 27.02
C GLY C 200 18.64 25.47 26.83
N PRO C 201 18.27 24.33 27.41
CA PRO C 201 19.14 23.16 27.37
C PRO C 201 19.29 22.63 25.95
N VAL C 202 20.51 22.27 25.60
CA VAL C 202 20.78 21.63 24.31
C VAL C 202 20.19 20.23 24.34
N ARG C 203 19.48 19.87 23.26
CA ARG C 203 18.75 18.61 23.20
C ARG C 203 19.52 17.60 22.36
N LEU C 204 19.76 16.42 22.95
CA LEU C 204 20.55 15.37 22.33
C LEU C 204 19.70 14.13 22.09
N PRO C 205 20.03 13.31 21.09
CA PRO C 205 19.21 12.15 20.78
C PRO C 205 19.30 11.07 21.84
N ARG C 206 18.20 10.36 22.04
CA ARG C 206 18.16 9.26 23.02
C ARG C 206 17.44 8.07 22.41
N ILE C 207 18.18 6.98 22.24
CA ILE C 207 17.63 5.71 21.76
C ILE C 207 17.35 4.84 22.98
N TYR C 208 16.17 4.20 23.00
CA TYR C 208 15.86 3.24 24.05
C TYR C 208 16.21 1.85 23.52
N HIS C 209 17.31 1.30 24.01
CA HIS C 209 17.80 -0.02 23.59
C HIS C 209 18.56 -0.59 24.79
N GLU C 210 17.89 -1.44 25.57
CA GLU C 210 18.39 -1.86 26.88
C GLU C 210 18.59 -0.64 27.78
N GLY C 211 17.71 0.35 27.65
CA GLY C 211 17.84 1.60 28.35
C GLY C 211 17.96 2.77 27.38
N THR C 212 17.94 3.96 27.97
CA THR C 212 18.04 5.20 27.19
C THR C 212 19.51 5.50 26.90
N PHE C 213 19.86 5.64 25.62
CA PHE C 213 21.24 5.79 25.20
C PHE C 213 21.44 7.16 24.57
N MET C 214 22.36 7.94 25.13
CA MET C 214 22.69 9.29 24.68
C MET C 214 24.15 9.35 24.23
N PRO C 215 24.49 10.28 23.32
CA PRO C 215 25.86 10.36 22.81
C PRO C 215 26.85 10.70 23.91
N GLY C 216 28.11 10.29 23.70
CA GLY C 216 29.14 10.48 24.70
C GLY C 216 29.71 11.89 24.77
N THR C 217 29.60 12.66 23.69
CA THR C 217 30.11 14.02 23.66
C THR C 217 29.53 14.73 22.45
N TYR C 218 29.36 16.04 22.58
CA TYR C 218 28.97 16.89 21.47
C TYR C 218 29.83 18.15 21.46
N LYS C 219 29.80 18.84 20.33
CA LYS C 219 30.64 20.01 20.10
C LYS C 219 29.76 21.14 19.60
N ILE C 220 29.88 22.31 20.20
CA ILE C 220 29.00 23.44 19.93
C ILE C 220 29.81 24.49 19.18
N VAL C 221 29.55 24.63 17.88
CA VAL C 221 30.27 25.61 17.07
C VAL C 221 29.42 26.87 16.95
N ILE C 222 30.09 28.02 17.02
CA ILE C 222 29.47 29.34 16.97
C ILE C 222 30.26 30.19 16.00
N ASP C 223 29.58 30.80 15.04
CA ASP C 223 30.22 31.67 14.06
C ASP C 223 30.14 33.10 14.57
N ARG C 224 31.27 33.60 15.10
CA ARG C 224 31.31 34.97 15.62
C ARG C 224 31.19 36.03 14.53
N LYS C 225 31.27 35.63 13.25
CA LYS C 225 31.13 36.55 12.13
C LYS C 225 29.76 37.21 12.14
N ASN C 226 28.72 36.43 11.85
CA ASN C 226 27.36 36.91 11.91
C ASN C 226 27.05 37.39 13.31
N LYS C 227 26.47 38.58 13.42
CA LYS C 227 26.19 39.16 14.73
C LYS C 227 25.00 38.46 15.39
N LEU C 228 24.65 37.28 14.88
CA LEU C 228 23.49 36.56 15.40
C LEU C 228 23.69 36.14 16.84
N ASN C 229 24.93 35.84 17.22
CA ASN C 229 25.26 35.41 18.58
C ASN C 229 26.08 36.46 19.31
N ASP C 230 25.71 37.73 19.12
CA ASP C 230 26.32 38.81 19.88
C ASP C 230 25.82 38.80 21.32
N ARG C 231 24.51 38.64 21.50
CA ARG C 231 23.89 38.56 22.81
C ARG C 231 23.85 37.13 23.35
N CYS C 232 24.72 36.26 22.86
CA CYS C 232 24.71 34.84 23.20
C CYS C 232 25.37 34.62 24.55
N THR C 233 24.62 34.09 25.51
CA THR C 233 25.14 33.76 26.83
C THR C 233 24.86 32.28 27.13
N LEU C 234 25.89 31.56 27.56
CA LEU C 234 25.77 30.15 27.92
C LEU C 234 25.84 30.04 29.44
N VAL C 235 24.74 29.64 30.07
CA VAL C 235 24.75 29.33 31.49
C VAL C 235 24.98 27.84 31.64
N THR C 236 26.03 27.46 32.36
CA THR C 236 26.39 26.05 32.46
C THR C 236 26.98 25.79 33.84
N ASN C 237 27.47 24.57 34.03
CA ASN C 237 28.01 24.11 35.30
C ASN C 237 29.46 23.70 35.08
N CYS C 238 30.35 24.13 35.98
CA CYS C 238 31.76 23.81 35.88
C CYS C 238 32.18 22.93 37.05
N VAL C 239 33.16 22.07 36.78
CA VAL C 239 33.56 20.98 37.65
C VAL C 239 35.05 21.14 37.96
N ILE C 240 35.38 21.34 39.23
CA ILE C 240 36.77 21.46 39.68
C ILE C 240 36.91 20.79 41.04
N LYS C 241 37.95 19.97 41.19
CA LYS C 241 38.19 19.29 42.46
C LYS C 241 38.49 20.30 43.56
N GLY C 242 38.26 19.88 44.81
CA GLY C 242 38.49 20.69 45.98
C GLY C 242 39.34 19.97 47.01
N ARG C 243 39.01 20.17 48.28
CA ARG C 243 39.75 19.56 49.36
C ARG C 243 39.23 18.15 49.65
N GLU C 244 40.00 17.40 50.42
CA GLU C 244 39.69 16.01 50.73
C GLU C 244 39.78 15.78 52.23
N VAL C 245 38.73 15.18 52.81
CA VAL C 245 38.77 14.81 54.22
C VAL C 245 39.69 13.62 54.43
N ARG C 246 39.63 12.64 53.53
CA ARG C 246 40.58 11.53 53.51
C ARG C 246 41.23 11.56 52.14
N LYS C 247 40.72 10.77 51.19
CA LYS C 247 41.15 10.86 49.81
C LYS C 247 40.27 11.86 49.07
N GLY C 248 40.73 12.29 47.90
CA GLY C 248 39.87 13.07 47.02
C GLY C 248 38.73 12.22 46.51
N GLN C 249 38.10 11.49 47.43
CA GLN C 249 37.42 10.25 47.12
C GLN C 249 36.28 10.49 46.14
N SER C 250 35.34 11.34 46.49
CA SER C 250 34.49 12.02 45.51
C SER C 250 34.53 13.52 45.76
N VAL C 251 35.75 14.05 45.75
CA VAL C 251 36.04 15.46 46.01
C VAL C 251 35.06 16.35 45.29
N LEU C 252 34.64 17.44 45.94
CA LEU C 252 33.56 18.26 45.40
C LEU C 252 34.01 18.98 44.14
N ARG C 253 33.04 19.24 43.25
CA ARG C 253 33.36 19.81 41.95
C ARG C 253 32.12 20.27 41.19
N GLN C 254 31.47 21.34 41.66
CA GLN C 254 30.27 21.83 40.97
C GLN C 254 30.01 23.28 41.34
N TYR C 255 29.95 24.15 40.34
CA TYR C 255 29.53 25.53 40.55
C TYR C 255 29.00 26.09 39.24
N LYS C 256 27.93 26.88 39.32
CA LYS C 256 27.32 27.44 38.12
C LYS C 256 28.16 28.60 37.58
N THR C 257 28.00 28.86 36.29
CA THR C 257 28.86 29.82 35.59
C THR C 257 28.12 30.39 34.39
N GLU C 258 28.40 31.66 34.10
CA GLU C 258 27.86 32.37 32.95
C GLU C 258 29.00 32.68 31.99
N ILE C 259 29.02 32.02 30.84
CA ILE C 259 30.03 32.22 29.80
C ILE C 259 29.44 33.15 28.75
N LYS C 260 30.17 34.21 28.42
CA LYS C 260 29.71 35.18 27.43
C LYS C 260 30.52 35.01 26.14
N ILE C 261 29.85 35.16 25.00
CA ILE C 261 30.49 35.00 23.69
C ILE C 261 30.71 36.32 22.97
N GLY C 262 30.06 37.41 23.41
CA GLY C 262 30.16 38.69 22.75
C GLY C 262 31.57 39.16 22.47
N LYS C 263 31.76 39.85 21.33
CA LYS C 263 33.08 40.30 20.89
C LYS C 263 33.47 41.53 21.71
N ALA C 264 33.91 41.27 22.94
CA ALA C 264 34.37 42.33 23.83
C ALA C 264 35.88 42.37 23.83
N PRO C 265 36.51 43.42 23.33
CA PRO C 265 37.98 43.44 23.25
C PRO C 265 38.62 43.65 24.62
N THR C 266 39.86 43.17 24.72
CA THR C 266 40.67 43.29 25.93
C THR C 266 39.94 42.77 27.17
#